data_6ZCS
#
_entry.id   6ZCS
#
_cell.length_a   40.390
_cell.length_b   86.119
_cell.length_c   90.901
_cell.angle_alpha   90.000
_cell.angle_beta   90.000
_cell.angle_gamma   90.000
#
_symmetry.space_group_name_H-M   'P 21 21 21'
#
loop_
_entity.id
_entity.type
_entity.pdbx_description
1 polymer 'Tyrosine-protein kinase SYK'
2 non-polymer (3~{R},4~{R})-~{N}4-[1-[2-(1-methylindol-4-yl)-3~{H}-imidazo[4,5-b]pyridin-7-yl]pyrazol-4-yl]oxane-3,4-diamine
3 water water
#
_entity_poly.entity_id   1
_entity_poly.type   'polypeptide(L)'
_entity_poly.pdbx_seq_one_letter_code
;MDTEVYESPYADPEEIRPKEVYLDRKLLTLEDKELGSGNFGTVKKGYYQMKKVVKTVAVKILKNEANDPALKDELLAEAN
VMQQLDNPYIVRMIGICEAESWMLVMEMAELGPLNKYLQQNRHVKDKNIIELVHQVSMGMKYLEESNFVHRDLAARNVLL
VTQHYAKISDFGLSKALRADENYYKAQTHGKWPVKWYAPECINYYKFSSKSDVWSFGVLMWEAFSYGQKPYRGMKGSEVT
AMLEKGERMGCPAGCPREMYDLMNLCWTYDVENRPGFAAVELRLRNYYYDVVNHHHHHH
;
_entity_poly.pdbx_strand_id   A
#
# COMPACT_ATOMS: atom_id res chain seq x y z
N VAL A 21 -21.26 10.61 -4.59
CA VAL A 21 -20.90 9.53 -3.67
C VAL A 21 -21.66 8.25 -4.05
N TYR A 22 -23.01 8.33 -4.11
CA TYR A 22 -23.88 7.21 -4.48
C TYR A 22 -24.10 7.18 -5.99
N LEU A 23 -23.63 6.09 -6.64
CA LEU A 23 -23.71 5.92 -8.09
C LEU A 23 -24.98 5.23 -8.57
N ASP A 24 -25.30 5.38 -9.87
CA ASP A 24 -26.48 4.80 -10.52
C ASP A 24 -26.10 3.45 -11.13
N ARG A 25 -26.72 2.34 -10.64
CA ARG A 25 -26.46 0.97 -11.10
C ARG A 25 -26.71 0.77 -12.60
N LYS A 26 -27.70 1.50 -13.16
CA LYS A 26 -28.03 1.47 -14.59
C LYS A 26 -26.86 1.93 -15.49
N LEU A 27 -25.95 2.80 -14.95
CA LEU A 27 -24.80 3.33 -15.68
C LEU A 27 -23.54 2.48 -15.48
N LEU A 28 -23.63 1.43 -14.65
CA LEU A 28 -22.52 0.51 -14.37
C LEU A 28 -22.70 -0.81 -15.10
N THR A 29 -21.65 -1.24 -15.83
CA THR A 29 -21.61 -2.52 -16.54
C THR A 29 -20.43 -3.31 -15.98
N LEU A 30 -20.68 -4.53 -15.45
CA LEU A 30 -19.61 -5.36 -14.91
C LEU A 30 -19.27 -6.53 -15.84
N GLU A 31 -17.97 -6.91 -15.86
CA GLU A 31 -17.49 -8.05 -16.62
C GLU A 31 -17.68 -9.30 -15.74
N ASP A 32 -17.91 -10.47 -16.35
CA ASP A 32 -18.17 -11.72 -15.64
C ASP A 32 -16.95 -12.25 -14.85
N LYS A 33 -15.78 -12.34 -15.52
CA LYS A 33 -14.54 -12.85 -14.93
C LYS A 33 -14.04 -11.96 -13.79
N GLU A 34 -13.43 -12.55 -12.77
CA GLU A 34 -12.88 -11.78 -11.66
C GLU A 34 -11.37 -11.56 -11.80
N LEU A 35 -10.91 -10.37 -11.38
CA LEU A 35 -9.51 -9.97 -11.45
C LEU A 35 -8.71 -10.59 -10.31
N GLY A 36 -9.32 -10.59 -9.13
CA GLY A 36 -8.74 -11.13 -7.91
C GLY A 36 -9.76 -11.21 -6.79
N SER A 37 -9.29 -11.53 -5.57
CA SER A 37 -10.14 -11.70 -4.41
C SER A 37 -9.41 -11.44 -3.09
N GLY A 38 -10.19 -11.26 -2.03
CA GLY A 38 -9.73 -11.07 -0.66
C GLY A 38 -10.76 -11.59 0.32
N ASN A 39 -10.60 -11.30 1.62
CA ASN A 39 -11.55 -11.73 2.64
C ASN A 39 -12.92 -11.02 2.51
N PHE A 40 -12.93 -9.84 1.83
CA PHE A 40 -14.12 -9.01 1.58
C PHE A 40 -15.03 -9.54 0.47
N GLY A 41 -14.43 -10.20 -0.53
CA GLY A 41 -15.13 -10.71 -1.70
C GLY A 41 -14.24 -10.72 -2.93
N THR A 42 -14.71 -10.11 -4.04
CA THR A 42 -13.96 -10.11 -5.30
C THR A 42 -13.70 -8.70 -5.85
N VAL A 43 -12.77 -8.61 -6.82
CA VAL A 43 -12.45 -7.39 -7.56
C VAL A 43 -12.77 -7.70 -9.02
N LYS A 44 -13.61 -6.89 -9.67
CA LYS A 44 -13.99 -7.09 -11.08
C LYS A 44 -13.79 -5.82 -11.89
N LYS A 45 -13.61 -5.96 -13.20
CA LYS A 45 -13.48 -4.85 -14.14
C LYS A 45 -14.89 -4.43 -14.55
N GLY A 46 -15.08 -3.14 -14.76
CA GLY A 46 -16.35 -2.60 -15.21
C GLY A 46 -16.23 -1.30 -15.96
N TYR A 47 -17.38 -0.73 -16.31
CA TYR A 47 -17.49 0.50 -17.05
C TYR A 47 -18.56 1.39 -16.45
N TYR A 48 -18.24 2.67 -16.23
CA TYR A 48 -19.22 3.61 -15.69
C TYR A 48 -19.49 4.68 -16.73
N GLN A 49 -20.75 4.72 -17.21
CA GLN A 49 -21.19 5.63 -18.26
C GLN A 49 -21.37 7.06 -17.77
N MET A 50 -20.55 7.97 -18.34
CA MET A 50 -20.63 9.40 -18.09
C MET A 50 -21.48 9.98 -19.25
N LYS A 51 -21.62 11.31 -19.31
CA LYS A 51 -22.43 11.97 -20.35
C LYS A 51 -21.91 11.84 -21.77
N LYS A 52 -20.60 12.00 -21.96
CA LYS A 52 -19.92 12.03 -23.26
C LYS A 52 -18.81 10.97 -23.39
N VAL A 53 -18.39 10.38 -22.26
CA VAL A 53 -17.31 9.37 -22.24
C VAL A 53 -17.71 8.18 -21.36
N VAL A 54 -16.92 7.12 -21.38
CA VAL A 54 -17.12 5.98 -20.49
C VAL A 54 -15.81 5.81 -19.68
N LYS A 55 -15.95 5.50 -18.38
CA LYS A 55 -14.81 5.31 -17.48
C LYS A 55 -14.57 3.84 -17.19
N THR A 56 -13.34 3.34 -17.42
CA THR A 56 -13.01 1.96 -17.06
C THR A 56 -12.76 1.96 -15.54
N VAL A 57 -13.38 1.02 -14.81
CA VAL A 57 -13.26 0.99 -13.36
C VAL A 57 -12.87 -0.39 -12.81
N ALA A 58 -12.35 -0.42 -11.57
CA ALA A 58 -12.07 -1.65 -10.83
C ALA A 58 -13.04 -1.58 -9.65
N VAL A 59 -13.81 -2.65 -9.44
CA VAL A 59 -14.88 -2.68 -8.44
C VAL A 59 -14.69 -3.76 -7.37
N LYS A 60 -14.70 -3.37 -6.07
CA LYS A 60 -14.67 -4.32 -4.95
C LYS A 60 -16.14 -4.70 -4.70
N ILE A 61 -16.47 -6.01 -4.77
CA ILE A 61 -17.83 -6.54 -4.59
C ILE A 61 -17.88 -7.41 -3.33
N LEU A 62 -18.72 -7.02 -2.35
CA LEU A 62 -18.84 -7.76 -1.09
C LEU A 62 -19.44 -9.16 -1.23
N LYS A 63 -18.94 -10.13 -0.46
CA LYS A 63 -19.42 -11.51 -0.48
C LYS A 63 -20.79 -11.66 0.19
N PRO A 69 -22.96 -8.11 8.57
CA PRO A 69 -22.98 -6.67 8.84
C PRO A 69 -21.59 -6.04 8.99
N ALA A 70 -20.59 -6.84 9.42
CA ALA A 70 -19.20 -6.39 9.63
C ALA A 70 -18.49 -5.96 8.35
N LEU A 71 -18.69 -6.72 7.23
CA LEU A 71 -18.08 -6.39 5.95
C LEU A 71 -18.66 -5.12 5.32
N LYS A 72 -19.99 -4.89 5.47
CA LYS A 72 -20.68 -3.69 4.98
C LYS A 72 -20.13 -2.45 5.68
N ASP A 73 -19.98 -2.52 7.01
CA ASP A 73 -19.42 -1.43 7.82
C ASP A 73 -17.97 -1.13 7.43
N GLU A 74 -17.16 -2.19 7.17
CA GLU A 74 -15.76 -2.05 6.75
C GLU A 74 -15.68 -1.38 5.37
N LEU A 75 -16.59 -1.74 4.43
CA LEU A 75 -16.59 -1.14 3.09
C LEU A 75 -17.02 0.35 3.12
N LEU A 76 -18.04 0.68 3.94
CA LEU A 76 -18.49 2.07 4.07
C LEU A 76 -17.38 2.94 4.71
N ALA A 77 -16.67 2.39 5.70
CA ALA A 77 -15.55 3.09 6.35
C ALA A 77 -14.40 3.29 5.34
N GLU A 78 -14.08 2.25 4.52
CA GLU A 78 -13.02 2.34 3.50
C GLU A 78 -13.37 3.45 2.47
N ALA A 79 -14.65 3.51 2.05
CA ALA A 79 -15.14 4.53 1.11
C ALA A 79 -15.04 5.94 1.72
N ASN A 80 -15.37 6.07 3.02
CA ASN A 80 -15.30 7.34 3.74
C ASN A 80 -13.86 7.91 3.80
N VAL A 81 -12.85 7.02 3.92
CA VAL A 81 -11.44 7.45 3.93
C VAL A 81 -11.05 7.88 2.51
N MET A 82 -11.29 7.01 1.51
CA MET A 82 -10.88 7.26 0.13
C MET A 82 -11.48 8.53 -0.48
N GLN A 83 -12.72 8.88 -0.10
CA GLN A 83 -13.39 10.09 -0.61
C GLN A 83 -12.72 11.39 -0.11
N GLN A 84 -11.95 11.32 0.98
CA GLN A 84 -11.25 12.47 1.57
C GLN A 84 -9.85 12.69 0.97
N LEU A 85 -9.34 11.73 0.20
CA LEU A 85 -7.99 11.76 -0.37
C LEU A 85 -7.92 12.24 -1.81
N ASP A 86 -6.93 13.10 -2.10
CA ASP A 86 -6.72 13.71 -3.41
C ASP A 86 -5.21 13.85 -3.66
N ASN A 87 -4.59 12.82 -4.30
CA ASN A 87 -3.15 12.79 -4.57
C ASN A 87 -2.86 11.94 -5.83
N PRO A 88 -1.86 12.32 -6.67
CA PRO A 88 -1.60 11.53 -7.90
C PRO A 88 -1.17 10.10 -7.66
N TYR A 89 -0.66 9.81 -6.46
CA TYR A 89 -0.11 8.49 -6.12
C TYR A 89 -1.02 7.66 -5.19
N ILE A 90 -2.34 8.01 -5.14
CA ILE A 90 -3.35 7.26 -4.42
C ILE A 90 -4.51 6.98 -5.39
N VAL A 91 -5.02 5.72 -5.41
CA VAL A 91 -6.17 5.32 -6.25
C VAL A 91 -7.39 6.21 -5.92
N ARG A 92 -8.06 6.72 -6.98
CA ARG A 92 -9.25 7.57 -6.89
C ARG A 92 -10.52 6.73 -6.78
N MET A 93 -11.38 7.05 -5.82
CA MET A 93 -12.68 6.38 -5.68
C MET A 93 -13.70 7.20 -6.49
N ILE A 94 -14.46 6.54 -7.39
CA ILE A 94 -15.54 7.19 -8.17
C ILE A 94 -16.80 7.32 -7.26
N GLY A 95 -17.11 6.24 -6.53
CA GLY A 95 -18.24 6.23 -5.61
C GLY A 95 -18.58 4.84 -5.14
N ILE A 96 -19.74 4.70 -4.49
CA ILE A 96 -20.26 3.44 -3.98
C ILE A 96 -21.64 3.19 -4.59
N CYS A 97 -22.05 1.91 -4.66
CA CYS A 97 -23.35 1.53 -5.22
C CYS A 97 -23.94 0.36 -4.43
N GLU A 98 -25.22 0.46 -4.05
CA GLU A 98 -25.93 -0.60 -3.32
C GLU A 98 -26.90 -1.28 -4.28
N ALA A 99 -26.53 -2.47 -4.75
CA ALA A 99 -27.35 -3.25 -5.67
C ALA A 99 -27.46 -4.69 -5.12
N GLU A 100 -27.21 -5.72 -5.95
CA GLU A 100 -27.25 -7.15 -5.56
C GLU A 100 -26.38 -7.38 -4.33
N SER A 101 -25.28 -6.61 -4.24
CA SER A 101 -24.33 -6.55 -3.15
C SER A 101 -23.77 -5.12 -3.09
N TRP A 102 -23.06 -4.76 -1.99
CA TRP A 102 -22.42 -3.45 -1.83
C TRP A 102 -21.17 -3.43 -2.72
N MET A 103 -20.94 -2.30 -3.44
CA MET A 103 -19.81 -2.14 -4.36
C MET A 103 -19.03 -0.84 -4.13
N LEU A 104 -17.69 -0.91 -4.21
CA LEU A 104 -16.78 0.23 -4.08
C LEU A 104 -16.11 0.39 -5.45
N VAL A 105 -16.46 1.46 -6.21
CA VAL A 105 -16.01 1.70 -7.60
C VAL A 105 -14.80 2.64 -7.63
N MET A 106 -13.68 2.19 -8.22
CA MET A 106 -12.42 2.96 -8.29
C MET A 106 -11.98 3.15 -9.74
N GLU A 107 -11.16 4.18 -10.00
CA GLU A 107 -10.55 4.40 -11.32
C GLU A 107 -9.59 3.21 -11.60
N MET A 108 -9.67 2.60 -12.80
CA MET A 108 -8.86 1.43 -13.16
C MET A 108 -7.36 1.68 -13.40
N ALA A 109 -6.49 0.93 -12.70
CA ALA A 109 -5.04 0.89 -12.90
C ALA A 109 -4.84 -0.48 -13.59
N GLU A 110 -4.67 -0.45 -14.92
CA GLU A 110 -4.70 -1.62 -15.81
C GLU A 110 -3.62 -2.68 -15.60
N LEU A 111 -2.42 -2.32 -15.13
CA LEU A 111 -1.35 -3.32 -15.06
C LEU A 111 -1.34 -4.20 -13.79
N GLY A 112 -2.22 -3.90 -12.82
CA GLY A 112 -2.38 -4.71 -11.61
C GLY A 112 -1.37 -4.52 -10.49
N PRO A 113 -1.39 -5.45 -9.50
CA PRO A 113 -0.53 -5.33 -8.30
C PRO A 113 0.96 -5.38 -8.61
N LEU A 114 1.75 -4.56 -7.87
CA LEU A 114 3.20 -4.45 -8.05
C LEU A 114 3.96 -5.77 -7.86
N ASN A 115 3.60 -6.56 -6.83
CA ASN A 115 4.31 -7.83 -6.57
C ASN A 115 4.16 -8.82 -7.74
N LYS A 116 2.92 -9.00 -8.25
CA LYS A 116 2.65 -9.87 -9.40
C LYS A 116 3.33 -9.36 -10.67
N TYR A 117 3.32 -8.03 -10.91
CA TYR A 117 3.95 -7.46 -12.10
C TYR A 117 5.43 -7.78 -12.15
N LEU A 118 6.14 -7.58 -11.01
CA LEU A 118 7.58 -7.84 -10.92
C LEU A 118 7.94 -9.34 -11.01
N GLN A 119 7.05 -10.24 -10.50
CA GLN A 119 7.24 -11.71 -10.63
C GLN A 119 7.23 -12.13 -12.11
N GLN A 120 6.35 -11.49 -12.91
CA GLN A 120 6.10 -11.75 -14.33
C GLN A 120 7.01 -10.97 -15.29
N ASN A 121 7.72 -9.93 -14.80
CA ASN A 121 8.59 -9.08 -15.61
C ASN A 121 9.94 -8.90 -14.89
N ARG A 122 10.76 -9.98 -14.89
CA ARG A 122 12.05 -10.04 -14.20
C ARG A 122 13.16 -9.15 -14.79
N HIS A 123 12.95 -8.57 -15.99
CA HIS A 123 13.93 -7.72 -16.65
C HIS A 123 13.75 -6.20 -16.36
N VAL A 124 12.78 -5.82 -15.48
CA VAL A 124 12.57 -4.42 -15.09
C VAL A 124 13.87 -3.94 -14.44
N LYS A 125 14.39 -2.79 -14.88
CA LYS A 125 15.68 -2.27 -14.42
C LYS A 125 15.63 -1.65 -13.03
N ASP A 126 16.79 -1.67 -12.34
CA ASP A 126 16.92 -1.09 -11.00
C ASP A 126 16.40 0.38 -10.92
N LYS A 127 16.78 1.22 -11.89
CA LYS A 127 16.33 2.63 -11.93
C LYS A 127 14.79 2.73 -11.93
N ASN A 128 14.14 1.80 -12.65
CA ASN A 128 12.67 1.74 -12.73
C ASN A 128 12.06 1.32 -11.36
N ILE A 129 12.72 0.40 -10.62
CA ILE A 129 12.21 0.02 -9.29
C ILE A 129 12.31 1.23 -8.33
N ILE A 130 13.44 1.98 -8.38
CA ILE A 130 13.60 3.16 -7.52
C ILE A 130 12.48 4.20 -7.83
N GLU A 131 12.22 4.43 -9.14
CA GLU A 131 11.17 5.35 -9.59
C GLU A 131 9.80 5.01 -8.94
N LEU A 132 9.39 3.73 -9.00
CA LEU A 132 8.12 3.27 -8.45
C LEU A 132 8.04 3.37 -6.91
N VAL A 133 9.10 2.92 -6.19
CA VAL A 133 9.06 3.01 -4.72
C VAL A 133 9.11 4.50 -4.26
N HIS A 134 9.78 5.39 -5.06
CA HIS A 134 9.78 6.82 -4.73
C HIS A 134 8.34 7.38 -4.85
N GLN A 135 7.59 6.95 -5.88
CA GLN A 135 6.17 7.37 -6.05
C GLN A 135 5.32 6.93 -4.85
N VAL A 136 5.54 5.69 -4.36
CA VAL A 136 4.82 5.21 -3.16
C VAL A 136 5.17 6.14 -1.96
N SER A 137 6.47 6.51 -1.79
CA SER A 137 6.85 7.41 -0.68
C SER A 137 6.22 8.80 -0.76
N MET A 138 5.94 9.29 -2.00
CA MET A 138 5.25 10.58 -2.20
C MET A 138 3.78 10.48 -1.75
N GLY A 139 3.11 9.38 -2.11
CA GLY A 139 1.74 9.14 -1.67
C GLY A 139 1.67 9.05 -0.15
N MET A 140 2.65 8.34 0.45
CA MET A 140 2.69 8.17 1.92
C MET A 140 3.02 9.47 2.67
N LYS A 141 3.87 10.33 2.08
CA LYS A 141 4.21 11.65 2.66
C LYS A 141 2.90 12.47 2.78
N TYR A 142 2.03 12.41 1.73
CA TYR A 142 0.72 13.08 1.71
C TYR A 142 -0.21 12.48 2.78
N LEU A 143 -0.27 11.13 2.88
CA LEU A 143 -1.12 10.49 3.88
C LEU A 143 -0.70 10.89 5.31
N GLU A 144 0.62 10.97 5.56
CA GLU A 144 1.18 11.38 6.85
C GLU A 144 0.76 12.84 7.18
N GLU A 145 0.87 13.75 6.19
CA GLU A 145 0.50 15.16 6.31
C GLU A 145 -1.00 15.29 6.63
N SER A 146 -1.81 14.37 6.07
CA SER A 146 -3.27 14.32 6.22
C SER A 146 -3.75 13.63 7.52
N ASN A 147 -2.79 13.09 8.31
CA ASN A 147 -3.01 12.40 9.59
C ASN A 147 -3.92 11.15 9.46
N PHE A 148 -3.66 10.33 8.41
CA PHE A 148 -4.30 9.04 8.22
C PHE A 148 -3.21 7.98 8.32
N VAL A 149 -3.54 6.83 8.92
CA VAL A 149 -2.64 5.66 8.96
C VAL A 149 -3.22 4.61 7.99
N HIS A 150 -2.38 4.00 7.12
CA HIS A 150 -2.81 3.01 6.12
C HIS A 150 -3.10 1.64 6.77
N ARG A 151 -2.11 1.12 7.54
CA ARG A 151 -2.17 -0.15 8.29
C ARG A 151 -2.17 -1.44 7.44
N ASP A 152 -1.91 -1.34 6.11
CA ASP A 152 -1.76 -2.54 5.26
C ASP A 152 -0.86 -2.23 4.05
N LEU A 153 0.27 -1.53 4.28
CA LEU A 153 1.16 -1.10 3.22
C LEU A 153 2.11 -2.23 2.81
N ALA A 154 1.79 -2.88 1.69
CA ALA A 154 2.51 -4.03 1.16
C ALA A 154 2.50 -3.95 -0.37
N ALA A 155 3.43 -4.65 -1.06
CA ALA A 155 3.49 -4.57 -2.53
C ALA A 155 2.21 -5.03 -3.24
N ARG A 156 1.43 -5.96 -2.63
CA ARG A 156 0.16 -6.46 -3.19
C ARG A 156 -0.89 -5.34 -3.24
N ASN A 157 -0.68 -4.25 -2.46
CA ASN A 157 -1.61 -3.13 -2.32
C ASN A 157 -1.14 -1.86 -3.04
N VAL A 158 -0.16 -2.02 -3.95
CA VAL A 158 0.31 -0.95 -4.85
C VAL A 158 -0.10 -1.41 -6.25
N LEU A 159 -0.81 -0.54 -7.00
CA LEU A 159 -1.35 -0.87 -8.33
C LEU A 159 -0.65 -0.05 -9.40
N LEU A 160 -0.35 -0.67 -10.56
CA LEU A 160 0.34 0.03 -11.65
C LEU A 160 -0.58 0.55 -12.76
N VAL A 161 -0.50 1.88 -13.03
CA VAL A 161 -1.22 2.56 -14.12
C VAL A 161 -0.44 2.25 -15.42
N THR A 162 0.90 2.40 -15.36
CA THR A 162 1.85 2.07 -16.42
C THR A 162 3.08 1.45 -15.71
N GLN A 163 4.08 1.02 -16.48
CA GLN A 163 5.33 0.48 -15.94
C GLN A 163 6.12 1.57 -15.17
N HIS A 164 5.74 2.85 -15.36
CA HIS A 164 6.41 4.00 -14.72
C HIS A 164 5.49 4.86 -13.83
N TYR A 165 4.33 4.29 -13.36
CA TYR A 165 3.37 5.04 -12.55
C TYR A 165 2.59 4.12 -11.60
N ALA A 166 2.94 4.21 -10.29
CA ALA A 166 2.33 3.42 -9.21
C ALA A 166 1.36 4.26 -8.35
N LYS A 167 0.29 3.61 -7.84
CA LYS A 167 -0.70 4.21 -6.95
C LYS A 167 -0.99 3.27 -5.78
N ILE A 168 -1.21 3.82 -4.58
CA ILE A 168 -1.56 3.04 -3.38
C ILE A 168 -3.08 2.80 -3.32
N SER A 169 -3.50 1.56 -2.94
CA SER A 169 -4.92 1.26 -2.77
C SER A 169 -5.12 0.48 -1.46
N ASP A 170 -6.32 -0.13 -1.30
CA ASP A 170 -6.68 -1.01 -0.18
C ASP A 170 -6.64 -0.30 1.20
N PHE A 171 -7.69 0.51 1.44
CA PHE A 171 -7.83 1.33 2.65
C PHE A 171 -8.81 0.73 3.71
N GLY A 172 -9.05 -0.59 3.61
CA GLY A 172 -9.94 -1.32 4.51
C GLY A 172 -9.54 -1.30 5.99
N LEU A 173 -8.24 -1.20 6.30
CA LEU A 173 -7.77 -1.13 7.70
C LEU A 173 -7.37 0.29 8.13
N SER A 174 -7.49 1.26 7.21
CA SER A 174 -7.04 2.64 7.43
C SER A 174 -7.85 3.41 8.48
N LYS A 175 -7.20 4.35 9.18
CA LYS A 175 -7.86 5.14 10.21
C LYS A 175 -7.49 6.63 10.14
N ALA A 176 -8.47 7.53 10.42
CA ALA A 176 -8.23 8.97 10.54
C ALA A 176 -7.83 9.18 12.01
N LEU A 177 -6.63 9.71 12.26
CA LEU A 177 -6.17 9.90 13.63
C LEU A 177 -6.98 10.98 14.36
N ARG A 178 -7.20 10.80 15.68
CA ARG A 178 -7.87 11.78 16.53
C ARG A 178 -7.03 13.08 16.56
N ALA A 179 -7.68 14.25 16.73
CA ALA A 179 -6.95 15.52 16.77
C ALA A 179 -5.92 15.62 17.91
N ASP A 180 -6.11 14.83 19.00
CA ASP A 180 -5.26 14.87 20.20
C ASP A 180 -4.29 13.68 20.33
N GLU A 181 -4.20 12.81 19.31
CA GLU A 181 -3.34 11.62 19.39
C GLU A 181 -2.54 11.41 18.11
N ASN A 182 -1.30 10.89 18.24
CA ASN A 182 -0.40 10.60 17.12
C ASN A 182 -0.49 9.14 16.65
N TYR A 183 -1.36 8.36 17.29
CA TYR A 183 -1.53 6.94 16.98
C TYR A 183 -2.98 6.47 17.13
N TYR A 184 -3.26 5.30 16.53
CA TYR A 184 -4.52 4.56 16.66
C TYR A 184 -4.23 3.32 17.53
N LYS A 185 -5.07 3.10 18.56
CA LYS A 185 -4.94 1.95 19.44
C LYS A 185 -6.00 0.91 19.10
N ALA A 186 -5.56 -0.29 18.67
CA ALA A 186 -6.49 -1.36 18.33
C ALA A 186 -6.96 -2.06 19.59
N GLN A 187 -8.25 -2.39 19.63
CA GLN A 187 -8.86 -3.15 20.72
C GLN A 187 -9.05 -4.56 20.13
N THR A 188 -8.21 -5.52 20.58
CA THR A 188 -8.11 -6.92 20.13
C THR A 188 -7.37 -7.02 18.78
N HIS A 189 -6.41 -7.96 18.70
CA HIS A 189 -5.58 -8.22 17.52
C HIS A 189 -6.40 -8.77 16.35
N LYS A 191 -7.52 -10.70 11.62
CA LYS A 191 -6.26 -11.20 11.07
C LYS A 191 -5.37 -10.04 10.64
N TRP A 192 -4.10 -10.05 11.09
CA TRP A 192 -3.13 -8.99 10.79
C TRP A 192 -1.96 -9.46 9.90
N PRO A 193 -1.50 -8.61 8.93
CA PRO A 193 -0.32 -8.97 8.11
C PRO A 193 0.98 -8.73 8.91
N VAL A 194 1.21 -9.61 9.89
CA VAL A 194 2.27 -9.58 10.91
C VAL A 194 3.71 -9.36 10.34
N LYS A 195 4.05 -9.97 9.20
CA LYS A 195 5.39 -9.77 8.62
C LYS A 195 5.65 -8.33 8.14
N TRP A 196 4.58 -7.49 8.02
CA TRP A 196 4.77 -6.09 7.61
C TRP A 196 4.62 -5.13 8.83
N TYR A 197 4.32 -5.66 10.03
CA TYR A 197 4.05 -4.82 11.21
C TYR A 197 5.27 -4.51 12.10
N ALA A 198 5.36 -3.26 12.57
CA ALA A 198 6.43 -2.79 13.45
C ALA A 198 6.32 -3.40 14.86
N PRO A 199 7.43 -3.43 15.66
CA PRO A 199 7.37 -4.01 17.02
C PRO A 199 6.30 -3.40 17.94
N GLU A 200 6.06 -2.07 17.88
CA GLU A 200 5.04 -1.41 18.74
C GLU A 200 3.59 -1.82 18.36
N CYS A 201 3.37 -2.26 17.09
CA CYS A 201 2.06 -2.74 16.64
C CYS A 201 1.76 -4.07 17.33
N ILE A 202 2.77 -4.96 17.32
CA ILE A 202 2.70 -6.31 17.90
C ILE A 202 2.62 -6.27 19.43
N ASN A 203 3.46 -5.44 20.06
CA ASN A 203 3.61 -5.37 21.51
C ASN A 203 2.64 -4.46 22.24
N TYR A 204 2.17 -3.36 21.60
CA TYR A 204 1.31 -2.40 22.27
C TYR A 204 0.01 -2.08 21.50
N TYR A 205 -0.19 -2.70 20.31
CA TYR A 205 -1.37 -2.46 19.44
C TYR A 205 -1.48 -0.97 19.02
N LYS A 206 -0.33 -0.28 18.90
CA LYS A 206 -0.28 1.15 18.53
C LYS A 206 0.17 1.34 17.08
N PHE A 207 -0.64 2.04 16.27
CA PHE A 207 -0.42 2.27 14.85
C PHE A 207 -0.30 3.77 14.52
N SER A 208 0.85 4.18 13.98
CA SER A 208 1.16 5.58 13.65
C SER A 208 1.73 5.67 12.23
N SER A 209 2.01 6.90 11.74
CA SER A 209 2.64 7.02 10.42
C SER A 209 4.03 6.35 10.45
N LYS A 210 4.72 6.41 11.61
CA LYS A 210 6.02 5.74 11.78
C LYS A 210 5.88 4.20 11.69
N SER A 211 4.73 3.60 12.11
N SER A 211 4.72 3.63 12.10
CA SER A 211 4.58 2.14 11.90
CA SER A 211 4.47 2.19 11.94
C SER A 211 4.38 1.85 10.40
C SER A 211 4.36 1.88 10.44
N ASP A 212 3.72 2.79 9.65
CA ASP A 212 3.60 2.65 8.19
C ASP A 212 5.01 2.72 7.52
N VAL A 213 5.97 3.53 8.10
CA VAL A 213 7.36 3.62 7.60
C VAL A 213 8.03 2.21 7.68
N TRP A 214 7.83 1.49 8.82
CA TRP A 214 8.38 0.13 8.98
C TRP A 214 7.84 -0.74 7.83
N SER A 215 6.50 -0.73 7.58
N SER A 215 6.50 -0.71 7.59
CA SER A 215 5.86 -1.51 6.51
CA SER A 215 5.86 -1.49 6.51
C SER A 215 6.44 -1.13 5.14
C SER A 215 6.43 -1.12 5.14
N PHE A 216 6.72 0.19 4.92
CA PHE A 216 7.31 0.69 3.67
C PHE A 216 8.71 0.06 3.42
N GLY A 217 9.48 -0.16 4.50
CA GLY A 217 10.77 -0.85 4.40
C GLY A 217 10.62 -2.27 3.86
N VAL A 218 9.59 -3.02 4.39
CA VAL A 218 9.28 -4.39 3.90
C VAL A 218 8.84 -4.32 2.41
N LEU A 219 8.00 -3.31 2.05
CA LEU A 219 7.58 -3.10 0.66
C LEU A 219 8.81 -2.86 -0.27
N MET A 220 9.79 -2.04 0.18
CA MET A 220 11.01 -1.80 -0.58
C MET A 220 11.77 -3.14 -0.83
N TRP A 221 11.91 -3.96 0.25
CA TRP A 221 12.55 -5.26 0.12
C TRP A 221 11.81 -6.15 -0.91
N GLU A 222 10.45 -6.18 -0.85
CA GLU A 222 9.67 -6.97 -1.82
C GLU A 222 9.95 -6.49 -3.25
N ALA A 223 9.93 -5.16 -3.49
CA ALA A 223 10.15 -4.61 -4.85
C ALA A 223 11.52 -4.95 -5.44
N PHE A 224 12.59 -4.74 -4.65
CA PHE A 224 13.96 -5.05 -5.08
C PHE A 224 14.19 -6.58 -5.19
N SER A 225 13.30 -7.40 -4.57
CA SER A 225 13.35 -8.87 -4.67
C SER A 225 12.37 -9.40 -5.73
N TYR A 226 11.86 -8.50 -6.62
CA TYR A 226 10.94 -8.82 -7.71
C TYR A 226 9.69 -9.64 -7.26
N GLY A 227 9.07 -9.16 -6.18
CA GLY A 227 7.83 -9.74 -5.69
C GLY A 227 7.91 -11.01 -4.87
N GLN A 228 9.10 -11.33 -4.34
CA GLN A 228 9.27 -12.48 -3.45
C GLN A 228 8.63 -12.15 -2.08
N LYS A 229 8.15 -13.17 -1.36
CA LYS A 229 7.55 -12.96 -0.05
C LYS A 229 8.64 -12.73 1.03
N PRO A 230 8.42 -11.78 1.99
CA PRO A 230 9.44 -11.54 3.04
C PRO A 230 9.47 -12.65 4.07
N TYR A 231 10.62 -12.83 4.78
CA TYR A 231 10.79 -13.83 5.85
C TYR A 231 10.34 -15.24 5.41
N ARG A 232 10.85 -15.68 4.25
CA ARG A 232 10.54 -16.94 3.61
C ARG A 232 10.64 -18.13 4.57
N GLY A 233 9.57 -18.92 4.63
CA GLY A 233 9.46 -20.15 5.43
C GLY A 233 9.41 -20.00 6.94
N MET A 234 9.22 -18.76 7.44
CA MET A 234 9.19 -18.47 8.87
C MET A 234 7.80 -18.24 9.41
N LYS A 235 7.57 -18.69 10.66
CA LYS A 235 6.34 -18.45 11.42
C LYS A 235 6.40 -17.01 11.98
N GLY A 236 5.24 -16.45 12.33
CA GLY A 236 5.13 -15.13 12.94
C GLY A 236 5.96 -15.00 14.20
N SER A 237 5.92 -16.04 15.08
CA SER A 237 6.72 -16.06 16.31
C SER A 237 8.23 -16.10 16.03
N GLU A 238 8.65 -16.75 14.92
CA GLU A 238 10.06 -16.82 14.51
C GLU A 238 10.53 -15.45 13.98
N VAL A 239 9.63 -14.68 13.34
CA VAL A 239 9.93 -13.31 12.86
C VAL A 239 10.18 -12.40 14.08
N THR A 240 9.31 -12.49 15.13
CA THR A 240 9.48 -11.73 16.37
C THR A 240 10.84 -12.00 17.04
N ALA A 241 11.23 -13.29 17.15
CA ALA A 241 12.50 -13.69 17.75
C ALA A 241 13.68 -13.13 16.95
N MET A 242 13.59 -13.16 15.60
CA MET A 242 14.64 -12.63 14.72
C MET A 242 14.85 -11.13 14.97
N LEU A 243 13.76 -10.36 14.97
CA LEU A 243 13.79 -8.91 15.15
C LEU A 243 14.30 -8.52 16.53
N GLU A 244 13.91 -9.29 17.57
CA GLU A 244 14.35 -9.06 18.96
C GLU A 244 15.86 -9.25 19.16
N LYS A 245 16.48 -10.16 18.38
CA LYS A 245 17.93 -10.40 18.38
C LYS A 245 18.66 -9.25 17.64
N GLY A 246 17.90 -8.35 17.00
CA GLY A 246 18.45 -7.25 16.23
C GLY A 246 18.78 -7.60 14.78
N GLU A 247 18.36 -8.79 14.33
CA GLU A 247 18.58 -9.26 12.96
C GLU A 247 17.53 -8.70 12.00
N ARG A 248 17.95 -8.48 10.73
CA ARG A 248 17.08 -7.95 9.67
C ARG A 248 17.33 -8.70 8.36
N MET A 249 16.33 -8.71 7.43
CA MET A 249 16.51 -9.39 6.12
C MET A 249 17.74 -8.85 5.39
N GLY A 250 18.38 -9.72 4.60
CA GLY A 250 19.54 -9.38 3.80
C GLY A 250 19.25 -8.51 2.59
N CYS A 251 20.33 -8.04 1.94
CA CYS A 251 20.25 -7.18 0.77
C CYS A 251 19.84 -8.01 -0.46
N PRO A 252 18.73 -7.68 -1.17
CA PRO A 252 18.37 -8.45 -2.38
C PRO A 252 19.46 -8.36 -3.46
N ALA A 253 19.56 -9.38 -4.31
CA ALA A 253 20.52 -9.41 -5.43
C ALA A 253 20.30 -8.20 -6.34
N GLY A 254 21.38 -7.48 -6.61
CA GLY A 254 21.35 -6.30 -7.47
C GLY A 254 20.83 -5.01 -6.85
N CYS A 255 20.43 -5.04 -5.56
CA CYS A 255 19.91 -3.85 -4.89
C CYS A 255 21.06 -2.93 -4.48
N PRO A 256 21.05 -1.62 -4.87
CA PRO A 256 22.14 -0.71 -4.46
C PRO A 256 22.25 -0.56 -2.95
N ARG A 257 23.48 -0.38 -2.45
CA ARG A 257 23.78 -0.23 -1.01
C ARG A 257 22.94 0.89 -0.37
N GLU A 258 22.82 2.03 -1.08
CA GLU A 258 22.07 3.21 -0.61
C GLU A 258 20.59 2.87 -0.32
N MET A 259 19.99 2.00 -1.14
CA MET A 259 18.60 1.54 -0.97
C MET A 259 18.48 0.52 0.17
N TYR A 260 19.48 -0.35 0.34
CA TYR A 260 19.47 -1.28 1.47
C TYR A 260 19.64 -0.54 2.81
N ASP A 261 20.49 0.51 2.82
CA ASP A 261 20.70 1.37 3.99
C ASP A 261 19.38 2.03 4.40
N LEU A 262 18.58 2.51 3.40
CA LEU A 262 17.26 3.13 3.64
C LEU A 262 16.24 2.13 4.22
N MET A 263 16.21 0.88 3.70
CA MET A 263 15.36 -0.21 4.21
C MET A 263 15.68 -0.41 5.69
N ASN A 264 16.99 -0.51 6.03
CA ASN A 264 17.42 -0.71 7.41
C ASN A 264 17.01 0.45 8.34
N LEU A 265 17.05 1.70 7.82
CA LEU A 265 16.63 2.87 8.61
C LEU A 265 15.11 2.83 8.88
N CYS A 266 14.32 2.30 7.92
CA CYS A 266 12.86 2.14 8.09
C CYS A 266 12.60 1.13 9.20
N TRP A 267 13.52 0.13 9.35
CA TRP A 267 13.42 -0.94 10.36
C TRP A 267 14.13 -0.59 11.70
N THR A 268 14.08 0.70 12.10
CA THR A 268 14.58 1.17 13.39
C THR A 268 13.59 0.65 14.45
N TYR A 269 14.09 -0.13 15.43
CA TYR A 269 13.23 -0.73 16.45
C TYR A 269 12.42 0.30 17.25
N ASP A 270 13.09 1.32 17.80
CA ASP A 270 12.41 2.34 18.60
C ASP A 270 11.67 3.36 17.73
N VAL A 271 10.32 3.43 17.85
CA VAL A 271 9.46 4.37 17.09
C VAL A 271 9.99 5.80 17.11
N GLU A 272 10.41 6.29 18.30
CA GLU A 272 10.90 7.65 18.50
C GLU A 272 12.09 8.02 17.60
N ASN A 273 12.99 7.06 17.33
CA ASN A 273 14.20 7.29 16.52
C ASN A 273 14.04 6.90 15.04
N ARG A 274 12.89 6.33 14.66
CA ARG A 274 12.61 5.92 13.29
C ARG A 274 12.24 7.17 12.46
N PRO A 275 12.71 7.32 11.20
CA PRO A 275 12.31 8.51 10.43
C PRO A 275 10.84 8.49 10.01
N GLY A 276 10.30 9.68 9.74
CA GLY A 276 8.96 9.88 9.18
C GLY A 276 9.04 9.88 7.66
N PHE A 277 7.87 9.95 6.97
CA PHE A 277 7.86 9.91 5.50
C PHE A 277 8.46 11.14 4.82
N ALA A 278 8.48 12.33 5.47
CA ALA A 278 9.15 13.48 4.86
C ALA A 278 10.66 13.16 4.64
N ALA A 279 11.35 12.58 5.67
CA ALA A 279 12.77 12.22 5.59
C ALA A 279 13.02 11.06 4.59
N VAL A 280 12.14 10.04 4.58
CA VAL A 280 12.25 8.87 3.67
C VAL A 280 12.10 9.31 2.20
N GLU A 281 11.05 10.10 1.89
CA GLU A 281 10.80 10.61 0.54
C GLU A 281 11.98 11.45 0.03
N LEU A 282 12.56 12.32 0.89
CA LEU A 282 13.71 13.16 0.48
C LEU A 282 14.94 12.31 0.10
N ARG A 283 15.26 11.27 0.91
CA ARG A 283 16.38 10.36 0.64
C ARG A 283 16.21 9.65 -0.71
N LEU A 284 14.99 9.12 -0.96
CA LEU A 284 14.65 8.43 -2.22
C LEU A 284 14.71 9.38 -3.41
N ARG A 285 14.16 10.60 -3.28
CA ARG A 285 14.14 11.62 -4.34
C ARG A 285 15.57 11.97 -4.78
N ASN A 286 16.46 12.26 -3.80
CA ASN A 286 17.85 12.59 -4.10
C ASN A 286 18.61 11.44 -4.74
N TYR A 287 18.39 10.18 -4.27
CA TYR A 287 19.08 9.03 -4.86
C TYR A 287 18.57 8.77 -6.28
N TYR A 288 17.25 8.88 -6.51
CA TYR A 288 16.64 8.70 -7.82
C TYR A 288 17.25 9.66 -8.88
N TYR A 289 17.37 10.96 -8.51
N TYR A 289 17.37 10.96 -8.54
CA TYR A 289 17.97 11.97 -9.39
CA TYR A 289 17.94 11.89 -9.51
C TYR A 289 19.43 11.67 -9.72
C TYR A 289 19.46 11.72 -9.71
N ASP A 290 20.17 11.10 -8.74
CA ASP A 290 21.59 10.74 -8.88
C ASP A 290 21.72 9.62 -9.94
N VAL A 291 20.81 8.62 -9.89
CA VAL A 291 20.79 7.49 -10.84
C VAL A 291 20.37 7.97 -12.25
N VAL A 292 19.40 8.91 -12.31
CA VAL A 292 18.86 9.49 -13.56
C VAL A 292 19.93 10.28 -14.32
N ASN A 293 20.62 11.19 -13.61
CA ASN A 293 21.63 12.03 -14.24
C ASN A 293 22.93 11.26 -14.52
N HIS A 294 23.18 10.11 -13.84
CA HIS A 294 24.32 9.23 -14.12
C HIS A 294 24.05 8.43 -15.40
N HIS A 295 22.77 8.01 -15.60
CA HIS A 295 22.32 7.25 -16.77
C HIS A 295 22.29 8.15 -18.01
#